data_4NTQ
#
_entry.id   4NTQ
#
_cell.length_a   85.250
_cell.length_b   85.250
_cell.length_c   74.913
_cell.angle_alpha   90.00
_cell.angle_beta   90.00
_cell.angle_gamma   90.00
#
_symmetry.space_group_name_H-M   'P 41 2 2'
#
loop_
_entity.id
_entity.type
_entity.pdbx_description
1 polymer 'Contact-dependent inhibitor A'
2 polymer 'ECL CdiI'
3 water water
#
loop_
_entity_poly.entity_id
_entity_poly.type
_entity_poly.pdbx_seq_one_letter_code
_entity_poly.pdbx_strand_id
1 'polypeptide(L)'
;AENNSLALVARGCAVAAPCRTKVAEQLLEIGAKAGIAGLAGAAVKD(MSE)ADK(MSE)TSDELEHLVTLE(MSE)
(MSE)GNDEIIAKYVSLLHDKYAPSHTGGNLLPETLPGHTGNNTGSVDTGPNHTGNTNRQNDSGSNNTGNTEGAPNTGGN
TTITPIPNGPSKDDIAYLALKGKEAQEAASNLGFDRRIPPQKAPFNSHGQPVFYDGKNYITPDIDSHNVTNGWK(MSE)F
NSKGKRIGTYDSGLNRIKD
;
A
2 'polypeptide(L)'
;(MSE)FGIFSKGEPVS(MSE)EGELVQPSSIVINDYEEELHLPLSYWDIKDYKNSWLKSLGEGLSNKTHSALAVS(MSE)
YEPEKTNFIFTWVLYFEDEKVYVQNNVIFLEECHGFSPENINKFIESRTTHDGDG(MSE)KISEWHTDLNSVLDFYHSLN
NASLEHHHHHH
;
B
#
# COMPACT_ATOMS: atom_id res chain seq x y z
N LEU A 160 -2.12 -1.40 -17.83
CA LEU A 160 -1.52 -0.33 -17.05
C LEU A 160 -1.41 0.94 -17.90
N LYS A 161 -2.06 2.02 -17.46
CA LYS A 161 -2.03 3.27 -18.22
C LYS A 161 -1.61 4.45 -17.36
N GLY A 162 -1.17 5.53 -17.99
CA GLY A 162 -0.81 6.75 -17.28
C GLY A 162 -1.95 7.78 -17.36
N LYS A 163 -2.18 8.29 -18.57
CA LYS A 163 -3.21 9.31 -18.82
C LYS A 163 -4.49 8.68 -19.34
N GLU A 164 -4.35 7.51 -19.93
CA GLU A 164 -5.50 6.77 -20.41
C GLU A 164 -6.22 6.16 -19.21
N ALA A 165 -5.49 6.01 -18.11
CA ALA A 165 -6.03 5.43 -16.90
C ALA A 165 -7.19 6.24 -16.35
N GLN A 166 -7.05 7.57 -16.35
CA GLN A 166 -8.11 8.45 -15.88
C GLN A 166 -9.40 8.22 -16.66
N GLU A 167 -9.28 8.15 -17.98
CA GLU A 167 -10.44 7.99 -18.84
C GLU A 167 -10.98 6.58 -18.71
N ALA A 168 -10.06 5.63 -18.53
CA ALA A 168 -10.43 4.24 -18.28
C ALA A 168 -11.25 4.13 -17.01
N ALA A 169 -10.75 4.76 -15.96
CA ALA A 169 -11.43 4.77 -14.66
C ALA A 169 -12.73 5.58 -14.70
N SER A 170 -12.72 6.67 -15.44
CA SER A 170 -13.92 7.48 -15.61
C SER A 170 -15.02 6.67 -16.29
N ASN A 171 -14.66 5.91 -17.32
CA ASN A 171 -15.61 5.06 -18.02
C ASN A 171 -16.17 3.96 -17.12
N LEU A 172 -15.49 3.70 -16.01
CA LEU A 172 -15.94 2.72 -15.04
C LEU A 172 -16.80 3.36 -13.95
N GLY A 173 -16.87 4.69 -13.96
CA GLY A 173 -17.69 5.42 -13.01
C GLY A 173 -16.85 6.20 -12.01
N PHE A 174 -15.57 5.85 -11.95
CA PHE A 174 -14.66 6.43 -10.98
C PHE A 174 -14.14 7.79 -11.45
N ASP A 175 -15.01 8.80 -11.36
CA ASP A 175 -14.78 10.13 -11.93
C ASP A 175 -13.71 10.95 -11.24
N ARG A 176 -13.58 10.77 -9.93
CA ARG A 176 -12.78 11.66 -9.13
C ARG A 176 -11.36 11.15 -8.95
N ARG A 177 -10.43 11.71 -9.73
CA ARG A 177 -9.03 11.39 -9.54
C ARG A 177 -8.56 12.00 -8.24
N ILE A 178 -8.10 11.17 -7.32
CA ILE A 178 -7.51 11.70 -6.10
C ILE A 178 -6.01 11.48 -6.15
N PRO A 179 -5.24 12.57 -6.28
CA PRO A 179 -3.79 12.48 -6.35
C PRO A 179 -3.22 12.28 -4.95
N PRO A 180 -2.05 11.64 -4.86
CA PRO A 180 -1.41 11.37 -3.57
C PRO A 180 -0.99 12.63 -2.80
N GLN A 181 -0.76 13.73 -3.51
CA GLN A 181 -0.36 14.98 -2.87
C GLN A 181 -1.33 16.13 -3.13
N LYS A 182 -1.48 17.03 -2.16
CA LYS A 182 -2.34 18.20 -2.29
C LYS A 182 -1.73 19.25 -3.21
N ALA A 183 -2.54 20.22 -3.63
CA ALA A 183 -2.05 21.30 -4.49
C ALA A 183 -0.81 21.94 -3.90
N PRO A 184 0.18 22.27 -4.75
CA PRO A 184 0.20 22.12 -6.20
C PRO A 184 1.12 20.99 -6.69
N PHE A 185 1.12 19.86 -5.99
CA PHE A 185 1.97 18.72 -6.38
C PHE A 185 1.12 17.53 -6.81
N ASN A 186 0.04 17.81 -7.55
CA ASN A 186 -1.00 16.81 -7.80
C ASN A 186 -0.88 16.06 -9.12
N SER A 187 0.09 16.43 -9.94
CA SER A 187 0.38 15.71 -11.18
C SER A 187 1.41 14.62 -10.93
N HIS A 188 1.83 14.50 -9.67
CA HIS A 188 2.89 13.60 -9.30
C HIS A 188 2.37 12.38 -8.54
N GLY A 189 2.46 11.21 -9.16
CA GLY A 189 2.39 9.96 -8.42
C GLY A 189 1.25 9.01 -8.72
N GLN A 190 1.30 7.82 -8.10
CA GLN A 190 0.22 6.85 -8.23
C GLN A 190 -1.01 7.44 -7.61
N PRO A 191 -2.04 7.68 -8.42
CA PRO A 191 -3.24 8.27 -7.85
C PRO A 191 -4.22 7.17 -7.55
N VAL A 192 -5.37 7.57 -7.04
CA VAL A 192 -6.44 6.68 -6.71
C VAL A 192 -7.69 7.30 -7.35
N PHE A 193 -8.57 6.48 -7.92
CA PHE A 193 -9.78 6.98 -8.55
C PHE A 193 -11.05 6.58 -7.78
N TYR A 194 -11.91 7.58 -7.54
CA TYR A 194 -13.01 7.44 -6.59
C TYR A 194 -14.38 7.26 -7.27
N ASP A 195 -15.15 6.33 -6.72
CA ASP A 195 -16.46 5.97 -7.25
C ASP A 195 -17.50 6.87 -6.67
N GLY A 196 -17.17 7.48 -5.54
CA GLY A 196 -18.16 7.94 -4.62
C GLY A 196 -18.43 6.85 -3.59
N LYS A 197 -17.90 5.65 -3.83
CA LYS A 197 -17.96 4.57 -2.86
C LYS A 197 -16.59 3.90 -2.68
N ASN A 198 -16.06 3.36 -3.77
CA ASN A 198 -14.78 2.64 -3.78
C ASN A 198 -13.68 3.34 -4.57
N TYR A 199 -12.46 2.81 -4.43
CA TYR A 199 -11.29 3.37 -5.10
C TYR A 199 -10.57 2.33 -5.95
N ILE A 200 -10.11 2.74 -7.12
CA ILE A 200 -9.28 1.85 -7.94
C ILE A 200 -7.97 2.54 -8.30
N THR A 201 -6.92 1.73 -8.48
CA THR A 201 -5.66 2.17 -9.06
C THR A 201 -5.28 1.10 -10.04
N PRO A 202 -4.59 1.49 -11.12
CA PRO A 202 -4.14 0.53 -12.13
C PRO A 202 -3.21 -0.52 -11.56
N ASP A 203 -3.46 -1.76 -11.95
CA ASP A 203 -2.65 -2.88 -11.51
C ASP A 203 -1.34 -2.81 -12.26
N ILE A 204 -0.27 -2.53 -11.51
CA ILE A 204 1.07 -2.39 -12.09
C ILE A 204 1.85 -3.68 -11.98
N ASP A 205 1.20 -4.72 -11.45
CA ASP A 205 1.87 -5.95 -11.03
C ASP A 205 2.61 -6.68 -12.16
N SER A 206 3.49 -7.61 -11.77
CA SER A 206 4.33 -8.36 -12.71
C SER A 206 3.51 -9.22 -13.67
N HIS A 207 2.58 -9.99 -13.11
CA HIS A 207 1.63 -10.76 -13.91
C HIS A 207 0.86 -9.81 -14.82
N ASN A 208 0.40 -8.69 -14.25
CA ASN A 208 -0.23 -7.61 -14.99
C ASN A 208 -1.47 -8.03 -15.80
N VAL A 209 -1.31 -9.08 -16.61
CA VAL A 209 -2.27 -9.49 -17.63
C VAL A 209 -2.46 -8.37 -18.67
N THR A 210 -3.60 -7.70 -18.64
CA THR A 210 -3.83 -6.58 -19.54
C THR A 210 -4.67 -5.48 -18.89
N ASN A 211 -3.99 -4.48 -18.34
CA ASN A 211 -4.65 -3.28 -17.85
C ASN A 211 -5.75 -3.58 -16.84
N GLY A 212 -5.38 -4.17 -15.71
CA GLY A 212 -6.31 -4.48 -14.65
C GLY A 212 -6.29 -3.47 -13.52
N TRP A 213 -7.03 -3.75 -12.45
CA TRP A 213 -7.16 -2.78 -11.35
C TRP A 213 -7.03 -3.44 -9.99
N LYS A 214 -6.55 -2.68 -9.01
CA LYS A 214 -6.66 -3.08 -7.61
C LYS A 214 -7.74 -2.18 -7.03
N MSE A 215 -8.61 -2.72 -6.19
CA MSE A 215 -9.71 -1.92 -5.64
C MSE A 215 -9.62 -1.85 -4.13
O MSE A 215 -9.26 -2.82 -3.48
CB MSE A 215 -11.06 -2.49 -6.06
CG MSE A 215 -12.27 -1.74 -5.51
SE MSE A 215 -13.94 -2.51 -6.17
CE MSE A 215 -13.48 -2.54 -8.08
N PHE A 216 -9.96 -0.69 -3.57
CA PHE A 216 -10.00 -0.53 -2.12
C PHE A 216 -11.37 -0.03 -1.68
N ASN A 217 -11.85 -0.50 -0.54
CA ASN A 217 -13.18 -0.08 -0.11
C ASN A 217 -13.22 1.32 0.50
N SER A 218 -14.38 1.73 0.99
CA SER A 218 -14.60 3.10 1.45
C SER A 218 -13.66 3.45 2.59
N LYS A 219 -13.10 2.44 3.25
CA LYS A 219 -12.12 2.65 4.29
C LYS A 219 -10.68 2.37 3.84
N GLY A 220 -10.49 2.14 2.56
CA GLY A 220 -9.14 1.89 2.05
C GLY A 220 -8.65 0.47 2.26
N LYS A 221 -9.55 -0.43 2.64
CA LYS A 221 -9.19 -1.84 2.71
C LYS A 221 -9.20 -2.40 1.29
N ARG A 222 -8.17 -3.18 0.95
CA ARG A 222 -8.13 -3.84 -0.37
C ARG A 222 -9.20 -4.91 -0.45
N ILE A 223 -10.01 -4.85 -1.50
CA ILE A 223 -11.07 -5.84 -1.67
C ILE A 223 -10.96 -6.55 -3.01
N GLY A 224 -9.74 -6.59 -3.56
CA GLY A 224 -9.43 -7.46 -4.65
C GLY A 224 -8.61 -6.93 -5.82
N THR A 225 -8.06 -7.85 -6.59
CA THR A 225 -7.46 -7.52 -7.89
C THR A 225 -8.54 -7.74 -8.92
N TYR A 226 -8.68 -6.82 -9.88
CA TYR A 226 -9.79 -6.86 -10.84
C TYR A 226 -9.33 -6.76 -12.29
N ASP A 227 -10.11 -7.35 -13.21
CA ASP A 227 -9.80 -7.21 -14.63
C ASP A 227 -10.28 -5.88 -15.21
N SER A 228 -10.18 -5.72 -16.54
CA SER A 228 -10.43 -4.41 -17.14
C SER A 228 -11.90 -4.00 -17.11
N GLY A 229 -12.76 -4.92 -16.70
CA GLY A 229 -14.19 -4.66 -16.61
C GLY A 229 -14.68 -4.76 -15.19
N LEU A 230 -13.73 -4.78 -14.26
CA LEU A 230 -14.01 -4.92 -12.83
C LEU A 230 -14.70 -6.21 -12.41
N ASN A 231 -14.28 -7.32 -13.01
CA ASN A 231 -14.60 -8.62 -12.48
C ASN A 231 -13.43 -9.11 -11.62
N ARG A 232 -13.73 -9.38 -10.34
CA ARG A 232 -12.74 -9.83 -9.39
C ARG A 232 -12.01 -11.06 -9.89
N ILE A 233 -10.69 -11.04 -9.78
CA ILE A 233 -9.88 -12.14 -10.26
C ILE A 233 -9.37 -12.92 -9.07
N LYS A 234 -8.82 -12.20 -8.11
CA LYS A 234 -8.18 -12.78 -6.94
C LYS A 234 -8.01 -11.67 -5.90
N ASP A 235 -7.32 -11.98 -4.82
CA ASP A 235 -7.04 -10.98 -3.80
C ASP A 235 -6.20 -9.85 -4.39
N MSE B 1 9.72 -16.44 2.92
CA MSE B 1 10.44 -15.27 3.39
C MSE B 1 9.38 -14.17 3.56
O MSE B 1 8.27 -14.29 3.04
CB MSE B 1 11.51 -14.84 2.37
CG MSE B 1 13.04 -15.22 2.64
SE MSE B 1 13.90 -13.75 1.93
CE MSE B 1 12.96 -12.55 2.84
N PHE B 2 9.70 -13.12 4.31
CA PHE B 2 8.87 -11.92 4.29
C PHE B 2 9.74 -10.70 4.14
N GLY B 3 9.28 -9.75 3.33
CA GLY B 3 9.97 -8.48 3.28
C GLY B 3 9.67 -7.66 2.06
N ILE B 4 10.35 -6.51 2.00
CA ILE B 4 10.21 -5.59 0.91
C ILE B 4 11.61 -5.30 0.38
N PHE B 5 11.82 -5.55 -0.91
CA PHE B 5 13.17 -5.57 -1.48
C PHE B 5 13.31 -4.73 -2.74
N SER B 6 14.42 -4.00 -2.84
CA SER B 6 14.71 -3.21 -4.03
C SER B 6 15.01 -4.12 -5.21
N LYS B 7 14.62 -3.69 -6.41
CA LYS B 7 15.16 -4.25 -7.63
C LYS B 7 16.27 -3.32 -8.13
N GLY B 8 16.12 -2.79 -9.35
CA GLY B 8 17.18 -2.01 -10.00
C GLY B 8 17.20 -0.52 -9.71
N GLU B 9 17.86 0.26 -10.57
CA GLU B 9 18.03 1.67 -10.29
C GLU B 9 16.71 2.45 -10.29
N PRO B 10 16.66 3.57 -9.56
CA PRO B 10 15.44 4.37 -9.54
C PRO B 10 15.10 4.87 -10.94
N VAL B 11 13.81 4.93 -11.25
CA VAL B 11 13.39 5.38 -12.57
C VAL B 11 12.21 6.33 -12.44
N SER B 12 11.99 7.13 -13.47
CA SER B 12 10.90 8.09 -13.47
C SER B 12 9.58 7.43 -13.88
N MSE B 13 8.58 7.49 -13.00
CA MSE B 13 7.25 6.98 -13.36
C MSE B 13 6.12 7.80 -12.77
O MSE B 13 6.17 8.17 -11.58
CB MSE B 13 7.07 5.51 -12.94
CG MSE B 13 7.96 4.54 -13.69
SE MSE B 13 7.86 2.74 -12.96
CE MSE B 13 6.58 2.17 -14.31
N GLU B 14 5.12 8.02 -13.59
CA GLU B 14 3.97 8.86 -13.23
C GLU B 14 4.50 10.19 -12.75
N GLY B 15 5.53 10.67 -13.43
CA GLY B 15 6.05 12.01 -13.19
C GLY B 15 6.93 12.19 -11.98
N GLU B 16 7.41 11.08 -11.40
CA GLU B 16 8.36 11.19 -10.29
C GLU B 16 9.31 9.99 -10.14
N LEU B 17 10.41 10.19 -9.43
CA LEU B 17 11.42 9.15 -9.22
C LEU B 17 10.94 8.11 -8.22
N VAL B 18 10.92 6.86 -8.64
CA VAL B 18 10.50 5.80 -7.75
C VAL B 18 11.55 4.72 -7.68
N GLN B 19 11.47 3.91 -6.65
CA GLN B 19 12.35 2.78 -6.47
C GLN B 19 11.55 1.52 -6.76
N PRO B 20 11.86 0.85 -7.89
CA PRO B 20 11.16 -0.42 -8.15
C PRO B 20 11.55 -1.40 -7.07
N SER B 21 10.55 -2.12 -6.55
CA SER B 21 10.70 -2.99 -5.39
C SER B 21 9.68 -4.11 -5.46
N SER B 22 9.82 -5.08 -4.57
CA SER B 22 8.81 -6.11 -4.40
C SER B 22 8.50 -6.29 -2.93
N ILE B 23 7.26 -6.67 -2.66
CA ILE B 23 6.96 -7.22 -1.36
C ILE B 23 6.72 -8.72 -1.52
N VAL B 24 7.34 -9.50 -0.64
CA VAL B 24 7.19 -10.95 -0.64
C VAL B 24 6.56 -11.40 0.66
N ILE B 25 5.48 -12.15 0.56
CA ILE B 25 4.80 -12.72 1.70
C ILE B 25 4.72 -14.21 1.40
N ASN B 26 5.75 -14.95 1.83
CA ASN B 26 5.84 -16.38 1.55
C ASN B 26 5.77 -16.70 0.04
N ASP B 27 4.69 -17.32 -0.43
CA ASP B 27 4.59 -17.66 -1.86
C ASP B 27 3.98 -16.53 -2.69
N TYR B 28 3.54 -15.46 -2.04
CA TYR B 28 3.04 -14.30 -2.77
C TYR B 28 4.10 -13.21 -2.91
N GLU B 29 4.15 -12.61 -4.10
CA GLU B 29 4.93 -11.38 -4.27
C GLU B 29 4.21 -10.40 -5.21
N GLU B 30 4.50 -9.12 -5.04
CA GLU B 30 3.81 -8.09 -5.78
C GLU B 30 4.76 -6.93 -5.97
N GLU B 31 4.85 -6.43 -7.20
CA GLU B 31 5.74 -5.31 -7.55
C GLU B 31 5.24 -3.99 -6.97
N LEU B 32 6.17 -3.17 -6.47
CA LEU B 32 5.83 -1.86 -5.91
C LEU B 32 6.77 -0.77 -6.47
N HIS B 33 6.26 0.46 -6.52
CA HIS B 33 7.04 1.62 -6.91
C HIS B 33 7.05 2.63 -5.75
N LEU B 34 8.10 2.58 -4.92
CA LEU B 34 8.18 3.42 -3.74
C LEU B 34 8.65 4.81 -4.13
N PRO B 35 7.79 5.84 -3.96
CA PRO B 35 8.18 7.20 -4.33
C PRO B 35 9.28 7.75 -3.42
N LEU B 36 10.22 8.47 -4.00
CA LEU B 36 11.41 8.93 -3.29
C LEU B 36 11.44 10.45 -3.10
N SER B 37 10.34 11.12 -3.41
CA SER B 37 10.36 12.59 -3.41
C SER B 37 10.52 13.18 -2.00
N TYR B 38 10.17 12.40 -0.99
CA TYR B 38 10.24 12.85 0.41
C TYR B 38 11.18 11.94 1.21
N TRP B 39 10.94 10.63 1.14
CA TRP B 39 11.78 9.64 1.79
C TRP B 39 12.72 8.94 0.81
N ASP B 40 13.98 8.75 1.18
CA ASP B 40 14.81 7.77 0.47
C ASP B 40 14.55 6.39 1.07
N ILE B 41 15.26 5.37 0.59
CA ILE B 41 15.00 3.99 1.00
C ILE B 41 15.46 3.72 2.44
N LYS B 42 16.52 4.42 2.84
CA LYS B 42 16.97 4.38 4.23
C LYS B 42 15.84 4.85 5.17
N ASP B 43 15.14 5.91 4.77
CA ASP B 43 13.98 6.37 5.53
C ASP B 43 12.85 5.34 5.61
N TYR B 44 12.53 4.71 4.48
CA TYR B 44 11.46 3.71 4.45
C TYR B 44 11.84 2.60 5.39
N LYS B 45 13.09 2.20 5.32
CA LYS B 45 13.59 1.05 6.09
C LYS B 45 13.62 1.38 7.58
N ASN B 46 14.00 2.60 7.91
CA ASN B 46 13.98 3.01 9.31
C ASN B 46 12.56 2.96 9.89
N SER B 47 11.60 3.44 9.11
CA SER B 47 10.21 3.43 9.52
C SER B 47 9.68 2.01 9.72
N TRP B 48 10.08 1.09 8.85
CA TRP B 48 9.67 -0.31 8.95
C TRP B 48 10.28 -0.94 10.21
N LEU B 49 11.54 -0.63 10.47
CA LEU B 49 12.22 -1.12 11.68
C LEU B 49 11.46 -0.71 12.94
N LYS B 50 11.11 0.57 13.04
CA LYS B 50 10.39 1.08 14.21
C LYS B 50 9.02 0.44 14.32
N SER B 51 8.31 0.37 13.19
CA SER B 51 6.96 -0.17 13.15
C SER B 51 6.93 -1.65 13.53
N LEU B 52 7.94 -2.39 13.06
CA LEU B 52 8.08 -3.79 13.37
C LEU B 52 8.40 -3.99 14.86
N GLY B 53 9.34 -3.22 15.37
CA GLY B 53 9.61 -3.19 16.80
C GLY B 53 8.35 -3.02 17.66
N GLU B 54 7.55 -1.99 17.38
CA GLU B 54 6.33 -1.76 18.15
C GLU B 54 5.39 -2.96 18.07
N GLY B 55 5.05 -3.36 16.84
CA GLY B 55 4.11 -4.45 16.64
C GLY B 55 4.60 -5.77 17.21
N LEU B 56 5.84 -6.14 16.91
CA LEU B 56 6.39 -7.37 17.46
C LEU B 56 6.37 -7.35 19.00
N SER B 57 6.70 -6.21 19.58
CA SER B 57 6.86 -6.16 21.03
C SER B 57 5.58 -6.53 21.78
N ASN B 58 4.43 -6.03 21.33
CA ASN B 58 3.15 -6.33 21.98
C ASN B 58 2.19 -7.18 21.14
N LYS B 59 2.69 -7.72 20.04
N LYS B 59 2.69 -7.69 20.03
CA LYS B 59 1.89 -8.62 19.20
CA LYS B 59 1.92 -8.60 19.17
C LYS B 59 0.55 -8.02 18.73
C LYS B 59 0.57 -8.02 18.73
N THR B 60 0.56 -6.74 18.37
CA THR B 60 -0.64 -6.11 17.83
C THR B 60 -0.54 -6.04 16.31
N HIS B 61 -0.09 -4.91 15.78
CA HIS B 61 0.10 -4.79 14.34
C HIS B 61 1.31 -3.93 13.99
N SER B 62 1.78 -4.09 12.75
CA SER B 62 2.88 -3.28 12.22
C SER B 62 2.53 -2.79 10.83
N ALA B 63 2.34 -1.47 10.70
CA ALA B 63 2.04 -0.92 9.40
C ALA B 63 3.33 -0.52 8.72
N LEU B 64 3.54 -1.07 7.51
CA LEU B 64 4.71 -0.77 6.69
C LEU B 64 4.31 0.10 5.52
N ALA B 65 4.66 1.39 5.57
CA ALA B 65 4.32 2.31 4.49
C ALA B 65 5.14 2.02 3.24
N VAL B 66 4.49 2.03 2.08
CA VAL B 66 5.23 1.88 0.83
C VAL B 66 5.00 3.08 -0.08
N SER B 67 4.54 4.17 0.52
CA SER B 67 4.59 5.46 -0.11
C SER B 67 4.50 6.50 1.00
N MSE B 68 5.13 7.64 0.78
CA MSE B 68 5.18 8.69 1.76
C MSE B 68 5.50 9.99 1.07
O MSE B 68 6.31 10.03 0.14
CB MSE B 68 6.24 8.40 2.82
CG MSE B 68 6.31 9.44 3.92
SE MSE B 68 4.64 9.50 4.93
CE MSE B 68 4.35 7.56 5.07
N TYR B 69 4.84 11.06 1.50
CA TYR B 69 5.14 12.39 1.01
C TYR B 69 5.16 13.29 2.21
N GLU B 70 5.43 14.57 1.98
CA GLU B 70 5.24 15.59 2.99
C GLU B 70 3.90 15.34 3.65
N PRO B 71 3.90 15.04 4.95
CA PRO B 71 2.67 14.69 5.67
C PRO B 71 1.54 15.73 5.58
N GLU B 72 1.84 17.03 5.55
CA GLU B 72 0.80 18.05 5.42
C GLU B 72 0.29 18.16 3.99
N LYS B 73 1.06 17.67 3.03
CA LYS B 73 0.64 17.74 1.64
C LYS B 73 0.19 16.38 1.15
N THR B 74 0.04 15.43 2.05
CA THR B 74 -0.32 14.06 1.68
C THR B 74 -1.81 13.79 1.77
N ASN B 75 -2.38 13.22 0.71
CA ASN B 75 -3.78 12.82 0.73
C ASN B 75 -4.00 11.38 1.21
N PHE B 76 -3.06 10.50 0.88
CA PHE B 76 -3.14 9.08 1.27
C PHE B 76 -1.81 8.37 1.05
N ILE B 77 -1.60 7.26 1.75
CA ILE B 77 -0.40 6.46 1.55
C ILE B 77 -0.79 5.00 1.48
N PHE B 78 -0.03 4.23 0.71
CA PHE B 78 -0.22 2.78 0.65
C PHE B 78 0.57 2.14 1.76
N THR B 79 -0.02 1.16 2.41
CA THR B 79 0.67 0.42 3.45
C THR B 79 0.42 -1.06 3.30
N TRP B 80 1.33 -1.84 3.86
CA TRP B 80 1.09 -3.25 4.07
C TRP B 80 1.10 -3.45 5.57
N VAL B 81 0.05 -4.08 6.08
CA VAL B 81 -0.23 -4.13 7.51
C VAL B 81 -0.13 -5.55 8.04
N LEU B 82 0.69 -5.74 9.07
CA LEU B 82 0.94 -7.07 9.64
C LEU B 82 0.18 -7.21 10.94
N TYR B 83 -0.60 -8.27 11.07
CA TYR B 83 -1.33 -8.50 12.31
C TYR B 83 -0.77 -9.77 12.92
N PHE B 84 -0.37 -9.70 14.18
CA PHE B 84 0.24 -10.85 14.85
C PHE B 84 -0.73 -11.67 15.68
N GLU B 85 -0.83 -12.97 15.37
CA GLU B 85 -1.59 -13.90 16.20
C GLU B 85 -0.80 -15.19 16.39
N ASP B 86 -0.26 -15.33 17.60
CA ASP B 86 0.66 -16.42 17.92
C ASP B 86 1.88 -16.48 16.98
N GLU B 87 2.05 -17.59 16.24
CA GLU B 87 3.19 -17.74 15.34
C GLU B 87 2.78 -17.49 13.90
N LYS B 88 1.61 -16.91 13.73
CA LYS B 88 1.10 -16.62 12.40
C LYS B 88 0.93 -15.12 12.25
N VAL B 89 1.22 -14.61 11.06
CA VAL B 89 1.11 -13.18 10.78
C VAL B 89 0.24 -12.98 9.57
N TYR B 90 -0.87 -12.26 9.74
CA TYR B 90 -1.75 -11.91 8.61
C TYR B 90 -1.31 -10.59 8.05
N VAL B 91 -1.42 -10.45 6.73
CA VAL B 91 -0.95 -9.28 6.03
C VAL B 91 -2.04 -8.78 5.11
N GLN B 92 -2.30 -7.48 5.20
CA GLN B 92 -3.34 -6.86 4.40
C GLN B 92 -2.70 -5.65 3.74
N ASN B 93 -3.37 -5.12 2.72
CA ASN B 93 -2.84 -4.03 1.94
C ASN B 93 -3.87 -2.94 2.01
N ASN B 94 -3.56 -1.89 2.78
CA ASN B 94 -4.58 -0.89 3.11
C ASN B 94 -4.10 0.46 2.71
N VAL B 95 -5.01 1.25 2.16
CA VAL B 95 -4.72 2.64 1.87
C VAL B 95 -5.17 3.49 3.03
N ILE B 96 -4.27 4.29 3.58
CA ILE B 96 -4.65 5.21 4.65
C ILE B 96 -4.98 6.60 4.12
N PHE B 97 -6.24 7.01 4.26
CA PHE B 97 -6.69 8.31 3.78
C PHE B 97 -6.45 9.41 4.79
N LEU B 98 -5.83 10.51 4.35
CA LEU B 98 -5.45 11.59 5.24
C LEU B 98 -5.83 12.97 4.71
N GLU B 99 -6.69 12.99 3.69
CA GLU B 99 -7.05 14.23 3.01
C GLU B 99 -7.65 15.21 3.99
N GLU B 100 -8.45 14.70 4.92
CA GLU B 100 -9.03 15.53 5.96
C GLU B 100 -8.49 15.16 7.34
N CYS B 101 -7.15 15.08 7.42
CA CYS B 101 -6.47 14.87 8.70
C CYS B 101 -5.66 16.10 9.11
N HIS B 102 -4.56 16.30 8.39
CA HIS B 102 -3.53 17.29 8.72
C HIS B 102 -2.73 16.93 9.98
N GLY B 103 -3.33 16.12 10.84
CA GLY B 103 -2.71 15.70 12.09
C GLY B 103 -1.68 14.61 11.93
N PHE B 104 -1.69 13.95 10.77
CA PHE B 104 -0.87 12.76 10.55
C PHE B 104 0.64 13.00 10.64
N SER B 105 1.34 11.97 11.12
CA SER B 105 2.79 11.94 11.13
C SER B 105 3.28 10.49 11.08
N PRO B 106 4.28 10.21 10.23
CA PRO B 106 4.68 8.82 9.94
C PRO B 106 5.10 7.99 11.16
N GLU B 107 5.70 8.62 12.16
CA GLU B 107 6.15 7.85 13.32
C GLU B 107 4.95 7.35 14.13
N ASN B 108 3.79 7.94 13.87
CA ASN B 108 2.56 7.51 14.53
C ASN B 108 1.72 6.54 13.70
N ILE B 109 2.28 6.02 12.61
CA ILE B 109 1.53 5.21 11.64
C ILE B 109 0.70 4.05 12.26
N ASN B 110 1.21 3.45 13.32
CA ASN B 110 0.51 2.31 13.89
C ASN B 110 -0.77 2.71 14.62
N LYS B 111 -0.87 3.98 15.03
CA LYS B 111 -2.10 4.54 15.60
C LYS B 111 -3.20 4.70 14.54
N PHE B 112 -2.81 4.78 13.27
CA PHE B 112 -3.78 5.06 12.21
C PHE B 112 -4.38 3.77 11.67
N ILE B 113 -4.00 2.67 12.27
CA ILE B 113 -4.42 1.34 11.85
C ILE B 113 -5.27 0.78 12.95
N GLU B 114 -6.42 0.21 12.60
CA GLU B 114 -7.23 -0.37 13.65
C GLU B 114 -7.20 -1.89 13.58
N SER B 115 -7.92 -2.53 14.49
CA SER B 115 -7.80 -3.97 14.65
C SER B 115 -8.25 -4.67 13.39
N ARG B 116 -7.95 -5.97 13.32
CA ARG B 116 -8.08 -6.71 12.07
C ARG B 116 -9.51 -7.11 11.77
N THR B 117 -9.90 -6.97 10.51
CA THR B 117 -11.15 -7.55 10.00
C THR B 117 -10.91 -8.38 8.74
N THR B 118 -11.82 -9.32 8.50
CA THR B 118 -11.73 -10.17 7.32
C THR B 118 -12.78 -9.87 6.23
N HIS B 119 -13.86 -9.16 6.57
CA HIS B 119 -14.87 -8.76 5.59
C HIS B 119 -15.37 -7.37 5.97
N ASP B 120 -15.76 -6.55 5.01
CA ASP B 120 -16.26 -5.23 5.34
C ASP B 120 -17.76 -5.24 5.60
N GLY B 121 -18.33 -4.06 5.80
CA GLY B 121 -19.73 -3.95 6.18
C GLY B 121 -20.67 -4.40 5.08
N ASP B 122 -20.13 -4.50 3.86
CA ASP B 122 -20.91 -4.89 2.70
C ASP B 122 -20.79 -6.39 2.46
N GLY B 123 -19.89 -7.03 3.20
CA GLY B 123 -19.63 -8.44 3.02
C GLY B 123 -18.49 -8.81 2.09
N MSE B 124 -17.74 -7.82 1.62
CA MSE B 124 -16.65 -8.09 0.68
C MSE B 124 -15.43 -8.61 1.41
O MSE B 124 -15.05 -8.09 2.46
CB MSE B 124 -16.30 -6.83 -0.10
CG MSE B 124 -17.38 -6.39 -1.08
SE MSE B 124 -17.48 -7.67 -2.55
CE MSE B 124 -15.75 -7.29 -3.38
N LYS B 125 -14.81 -9.66 0.88
CA LYS B 125 -13.61 -10.20 1.49
C LYS B 125 -12.49 -9.16 1.46
N ILE B 126 -11.88 -8.93 2.62
CA ILE B 126 -10.70 -8.09 2.68
C ILE B 126 -9.53 -8.93 2.18
N SER B 127 -8.75 -8.40 1.26
CA SER B 127 -7.60 -9.14 0.76
C SER B 127 -6.63 -9.42 1.92
N GLU B 128 -6.11 -10.63 1.97
CA GLU B 128 -5.24 -11.03 3.08
C GLU B 128 -4.27 -12.15 2.68
N TRP B 129 -3.05 -12.07 3.17
CA TRP B 129 -2.07 -13.13 2.94
C TRP B 129 -1.48 -13.52 4.29
N HIS B 130 -0.72 -14.61 4.34
CA HIS B 130 -0.10 -14.95 5.61
C HIS B 130 1.31 -15.49 5.50
N THR B 131 2.07 -15.27 6.56
CA THR B 131 3.41 -15.82 6.70
C THR B 131 3.68 -16.05 8.19
N ASP B 132 4.73 -16.78 8.51
CA ASP B 132 4.99 -17.16 9.91
C ASP B 132 5.72 -16.04 10.66
N LEU B 133 5.65 -16.05 11.98
CA LEU B 133 6.30 -15.05 12.81
C LEU B 133 7.80 -15.00 12.57
N ASN B 134 8.44 -16.15 12.52
CA ASN B 134 9.89 -16.21 12.32
C ASN B 134 10.35 -15.45 11.08
N SER B 135 9.56 -15.48 10.02
CA SER B 135 10.01 -14.87 8.79
C SER B 135 9.93 -13.35 8.93
N VAL B 136 9.01 -12.88 9.78
CA VAL B 136 8.91 -11.45 10.05
C VAL B 136 10.04 -11.00 10.98
N LEU B 137 10.35 -11.83 11.97
CA LEU B 137 11.49 -11.59 12.82
C LEU B 137 12.77 -11.43 11.98
N ASP B 138 12.99 -12.36 11.05
CA ASP B 138 14.21 -12.30 10.24
C ASP B 138 14.28 -10.96 9.49
N PHE B 139 13.17 -10.56 8.87
CA PHE B 139 13.12 -9.26 8.21
C PHE B 139 13.35 -8.10 9.17
N TYR B 140 12.77 -8.20 10.36
CA TYR B 140 12.99 -7.19 11.40
C TYR B 140 14.48 -7.11 11.76
N HIS B 141 15.09 -8.25 12.03
CA HIS B 141 16.51 -8.31 12.32
C HIS B 141 17.40 -7.77 11.20
N SER B 142 17.03 -8.02 9.94
CA SER B 142 17.89 -7.61 8.84
C SER B 142 17.89 -6.10 8.68
N LEU B 143 16.77 -5.48 9.00
CA LEU B 143 16.69 -4.04 8.92
C LEU B 143 17.51 -3.48 10.06
N ASN B 144 17.55 -4.23 11.15
CA ASN B 144 18.21 -3.81 12.38
C ASN B 144 19.74 -3.85 12.23
N ASN B 145 20.19 -4.52 11.17
CA ASN B 145 21.60 -4.61 10.80
C ASN B 145 21.85 -4.01 9.43
N ALA B 146 21.34 -2.81 9.22
CA ALA B 146 21.46 -2.15 7.93
C ALA B 146 21.52 -0.64 8.08
#